data_1XQH
#
_entry.id   1XQH
#
_cell.length_a   40.374
_cell.length_b   103.123
_cell.length_c   67.165
_cell.angle_alpha   90.00
_cell.angle_beta   90.04
_cell.angle_gamma   90.00
#
_symmetry.space_group_name_H-M   'P 1 21 1'
#
loop_
_entity.id
_entity.type
_entity.pdbx_description
1 polymer 'Histone-lysine N-methyltransferase, H3 lysine-4 specific'
2 polymer '9-mer peptide from tumor protein p53'
3 non-polymer S-ADENOSYL-L-HOMOCYSTEINE
4 water water
#
loop_
_entity_poly.entity_id
_entity_poly.type
_entity_poly.pdbx_seq_one_letter_code
_entity_poly.pdbx_strand_id
1 'polypeptide(L)'
;GPLGSGQYKDNIRHGVCWIYYPDGGSLVGEVNEDGEMTGEKIAYVYPDERTALYGKFIDGEMIEGKLATLMSTEEGRPHF
ELMPGNSVYHFDKSTSSCISTNALLPDPYESERVYVAESLISSAGEGLFSKVAVGPNTVMSFYNGVRITHQEVDSRDWAL
NGNTLSLDEETVIDVPEPYNHVSKYCASLGHKANHSFTPNCIYDMFVHPRFGPIKCIRTLRAVEADEELTVAYGYDHSPP
GKSGPEAPEWYQVELKAFQATQQK
;
A,E
2 'polypeptide(L)' LKS(MLZ)KGQSTY B,F
#
# COMPACT_ATOMS: atom_id res chain seq x y z
N GLY A 15 -1.02 -9.73 -7.46
CA GLY A 15 -0.20 -8.87 -6.55
C GLY A 15 -0.25 -7.36 -6.73
N VAL A 16 -1.32 -6.73 -6.26
CA VAL A 16 -1.40 -5.30 -5.98
C VAL A 16 -0.25 -4.58 -5.23
N CYS A 17 0.34 -3.59 -5.88
CA CYS A 17 1.36 -2.75 -5.27
C CYS A 17 0.82 -1.34 -5.06
N TRP A 18 1.21 -0.72 -3.97
CA TRP A 18 0.88 0.68 -3.69
C TRP A 18 2.21 1.39 -3.61
N ILE A 19 2.34 2.49 -4.32
CA ILE A 19 3.54 3.28 -4.22
C ILE A 19 3.13 4.65 -3.70
N TYR A 20 3.54 4.98 -2.48
CA TYR A 20 3.16 6.26 -1.89
C TYR A 20 4.22 7.33 -2.06
N TYR A 21 3.78 8.50 -2.48
CA TYR A 21 4.66 9.65 -2.57
C TYR A 21 4.65 10.32 -1.20
N PRO A 22 5.73 11.01 -0.86
CA PRO A 22 5.82 11.72 0.41
C PRO A 22 4.71 12.74 0.58
N ASP A 23 4.14 13.22 -0.52
CA ASP A 23 3.05 14.19 -0.43
C ASP A 23 1.71 13.55 -0.06
N GLY A 24 1.65 12.22 0.01
CA GLY A 24 0.43 11.52 0.36
C GLY A 24 -0.34 10.87 -0.77
N GLY A 25 -0.07 11.31 -2.00
CA GLY A 25 -0.65 10.66 -3.15
C GLY A 25 -0.02 9.29 -3.34
N SER A 26 -0.61 8.47 -4.19
CA SER A 26 -0.11 7.13 -4.44
C SER A 26 -0.54 6.59 -5.79
N LEU A 27 0.21 5.58 -6.25
CA LEU A 27 -0.08 4.82 -7.45
C LEU A 27 -0.41 3.41 -6.98
N VAL A 28 -1.49 2.84 -7.50
CA VAL A 28 -1.89 1.48 -7.11
C VAL A 28 -2.37 0.65 -8.27
N GLY A 29 -1.95 -0.61 -8.29
CA GLY A 29 -2.45 -1.58 -9.25
C GLY A 29 -1.62 -2.84 -9.24
N GLU A 30 -2.04 -3.81 -10.04
CA GLU A 30 -1.27 -5.02 -10.25
C GLU A 30 -0.15 -4.71 -11.23
N VAL A 31 1.05 -5.16 -10.92
CA VAL A 31 2.20 -4.94 -11.80
C VAL A 31 2.30 -6.06 -12.83
N ASN A 32 2.98 -5.80 -13.94
CA ASN A 32 3.13 -6.81 -14.98
C ASN A 32 4.35 -7.69 -14.69
N GLU A 33 4.55 -8.71 -15.51
CA GLU A 33 5.66 -9.65 -15.35
C GLU A 33 6.99 -8.97 -15.01
N ASP A 34 7.17 -7.74 -15.47
CA ASP A 34 8.42 -7.02 -15.24
C ASP A 34 8.35 -6.04 -14.07
N GLY A 35 7.29 -6.14 -13.27
CA GLY A 35 7.14 -5.28 -12.10
C GLY A 35 6.76 -3.86 -12.48
N GLU A 36 6.28 -3.69 -13.71
CA GLU A 36 5.90 -2.37 -14.22
C GLU A 36 4.43 -2.08 -13.97
N MET A 37 4.14 -0.85 -13.58
CA MET A 37 2.77 -0.41 -13.35
C MET A 37 2.13 -0.13 -14.69
N THR A 38 1.84 -1.20 -15.43
CA THR A 38 1.29 -1.10 -16.77
C THR A 38 0.04 -1.95 -16.87
N GLY A 39 -1.05 -1.34 -17.32
CA GLY A 39 -2.32 -2.04 -17.44
C GLY A 39 -3.48 -1.05 -17.56
N GLU A 40 -4.71 -1.57 -17.62
CA GLU A 40 -5.90 -0.73 -17.78
C GLU A 40 -6.63 -0.54 -16.45
N LYS A 41 -6.10 -1.10 -15.38
CA LYS A 41 -6.74 -1.01 -14.07
C LYS A 41 -5.80 -0.45 -13.01
N ILE A 42 -5.05 0.56 -13.41
CA ILE A 42 -4.12 1.20 -12.51
C ILE A 42 -4.75 2.51 -12.08
N ALA A 43 -4.35 3.01 -10.92
CA ALA A 43 -4.89 4.28 -10.44
C ALA A 43 -3.90 5.16 -9.70
N TYR A 44 -4.04 6.45 -9.93
CA TYR A 44 -3.41 7.43 -9.07
C TYR A 44 -4.46 7.81 -8.04
N VAL A 45 -4.09 7.78 -6.77
CA VAL A 45 -4.98 8.17 -5.68
C VAL A 45 -4.46 9.46 -5.04
N TYR A 46 -5.29 10.50 -5.04
CA TYR A 46 -4.92 11.78 -4.43
C TYR A 46 -4.68 11.65 -2.91
N PRO A 47 -4.09 12.65 -2.29
CA PRO A 47 -3.79 12.61 -0.85
C PRO A 47 -4.98 12.41 0.08
N ASP A 48 -6.21 12.61 -0.39
CA ASP A 48 -7.38 12.37 0.46
C ASP A 48 -7.68 10.87 0.59
N GLU A 49 -6.92 10.06 -0.14
CA GLU A 49 -7.06 8.60 -0.12
C GLU A 49 -8.46 8.15 -0.57
N ARG A 50 -9.12 9.01 -1.36
CA ARG A 50 -10.49 8.78 -1.83
C ARG A 50 -10.64 9.11 -3.32
N THR A 51 -10.13 10.28 -3.72
CA THR A 51 -10.26 10.73 -5.10
C THR A 51 -9.18 10.07 -5.93
N ALA A 52 -9.55 9.59 -7.12
CA ALA A 52 -8.62 8.80 -7.92
C ALA A 52 -8.78 9.03 -9.42
N LEU A 53 -7.70 8.78 -10.15
CA LEU A 53 -7.69 8.79 -11.61
C LEU A 53 -7.38 7.34 -11.97
N TYR A 54 -8.38 6.63 -12.50
CA TYR A 54 -8.34 5.20 -12.75
C TYR A 54 -8.40 4.88 -14.24
N GLY A 55 -7.53 3.99 -14.71
CA GLY A 55 -7.51 3.60 -16.11
C GLY A 55 -6.16 3.11 -16.61
N LYS A 56 -5.86 3.48 -17.85
CA LYS A 56 -4.65 3.02 -18.53
C LYS A 56 -3.39 3.77 -18.11
N PHE A 57 -2.42 3.02 -17.61
CA PHE A 57 -1.12 3.55 -17.23
C PHE A 57 -0.04 2.68 -17.93
N ILE A 58 1.11 3.27 -18.25
CA ILE A 58 2.26 2.51 -18.79
C ILE A 58 3.48 2.88 -17.96
N ASP A 59 4.05 1.91 -17.26
CA ASP A 59 5.20 2.14 -16.39
C ASP A 59 4.93 3.30 -15.42
N GLY A 60 3.74 3.31 -14.84
CA GLY A 60 3.36 4.33 -13.88
C GLY A 60 2.99 5.68 -14.46
N GLU A 61 3.04 5.81 -15.77
CA GLU A 61 2.68 7.07 -16.43
C GLU A 61 1.21 7.01 -16.86
N MET A 62 0.44 8.03 -16.50
CA MET A 62 -0.99 8.05 -16.81
C MET A 62 -1.24 8.31 -18.30
N ILE A 63 -1.88 7.35 -18.97
CA ILE A 63 -2.23 7.49 -20.39
C ILE A 63 -3.70 7.93 -20.53
N GLU A 64 -4.59 7.28 -19.78
CA GLU A 64 -6.00 7.62 -19.81
C GLU A 64 -6.60 7.31 -18.45
N GLY A 65 -6.61 8.31 -17.57
CA GLY A 65 -7.19 8.18 -16.25
C GLY A 65 -8.54 8.87 -16.18
N LYS A 66 -9.52 8.19 -15.59
CA LYS A 66 -10.84 8.72 -15.43
C LYS A 66 -11.12 8.97 -13.95
N LEU A 67 -11.87 10.03 -13.65
CA LEU A 67 -12.21 10.37 -12.28
C LEU A 67 -12.92 9.18 -11.61
N ALA A 68 -12.44 8.79 -10.44
CA ALA A 68 -12.99 7.66 -9.73
C ALA A 68 -12.97 7.92 -8.24
N THR A 69 -13.67 7.08 -7.48
CA THR A 69 -13.64 7.14 -6.05
C THR A 69 -13.12 5.81 -5.53
N LEU A 70 -12.20 5.86 -4.57
CA LEU A 70 -11.73 4.67 -3.88
C LEU A 70 -12.78 4.36 -2.81
N MET A 71 -13.64 3.41 -3.12
CA MET A 71 -14.76 3.05 -2.25
C MET A 71 -14.35 2.30 -1.00
N SER A 72 -13.39 1.40 -1.15
CA SER A 72 -12.96 0.57 -0.05
C SER A 72 -11.74 -0.19 -0.47
N THR A 73 -11.05 -0.73 0.53
CA THR A 73 -9.87 -1.54 0.30
C THR A 73 -9.98 -2.76 1.18
N GLU A 74 -9.74 -3.93 0.59
CA GLU A 74 -9.79 -5.18 1.32
C GLU A 74 -8.46 -5.88 1.15
N GLU A 75 -7.69 -5.98 2.23
CA GLU A 75 -6.38 -6.65 2.18
C GLU A 75 -5.51 -6.08 1.06
N GLY A 76 -5.43 -4.77 1.02
CA GLY A 76 -4.64 -4.07 0.02
C GLY A 76 -5.28 -3.99 -1.34
N ARG A 77 -6.39 -4.69 -1.54
CA ARG A 77 -7.07 -4.66 -2.83
C ARG A 77 -8.10 -3.55 -2.90
N PRO A 78 -7.87 -2.57 -3.76
CA PRO A 78 -8.79 -1.43 -3.87
C PRO A 78 -10.01 -1.72 -4.71
N HIS A 79 -11.11 -1.10 -4.35
CA HIS A 79 -12.30 -1.15 -5.17
C HIS A 79 -12.62 0.28 -5.59
N PHE A 80 -12.52 0.57 -6.89
CA PHE A 80 -12.85 1.89 -7.39
C PHE A 80 -14.20 1.86 -8.12
N GLU A 81 -14.89 2.99 -8.13
CA GLU A 81 -16.07 3.13 -8.97
C GLU A 81 -15.95 4.48 -9.69
N LEU A 82 -16.14 4.47 -11.00
CA LEU A 82 -16.01 5.67 -11.82
C LEU A 82 -17.06 6.72 -11.45
N MET A 83 -16.63 7.97 -11.43
CA MET A 83 -17.55 9.09 -11.20
C MET A 83 -18.25 9.39 -12.52
N PRO A 84 -19.42 10.00 -12.45
CA PRO A 84 -20.13 10.38 -13.66
C PRO A 84 -19.31 11.37 -14.47
N GLY A 85 -19.55 11.43 -15.76
CA GLY A 85 -18.83 12.35 -16.62
C GLY A 85 -17.99 11.60 -17.63
N ASN A 86 -17.35 12.37 -18.52
CA ASN A 86 -16.56 11.80 -19.60
C ASN A 86 -15.13 12.34 -19.64
N SER A 87 -14.76 13.14 -18.64
CA SER A 87 -13.42 13.74 -18.59
C SER A 87 -12.34 12.68 -18.42
N VAL A 88 -11.27 12.84 -19.18
CA VAL A 88 -10.13 11.94 -19.07
C VAL A 88 -8.89 12.78 -18.85
N TYR A 89 -7.91 12.21 -18.17
CA TYR A 89 -6.67 12.90 -17.89
C TYR A 89 -5.46 12.06 -18.30
N HIS A 90 -4.37 12.72 -18.65
CA HIS A 90 -3.15 12.01 -19.00
C HIS A 90 -1.94 12.82 -18.53
N PHE A 91 -0.80 12.15 -18.43
CA PHE A 91 0.46 12.79 -18.08
C PHE A 91 0.72 13.83 -19.16
N ASP A 92 0.89 15.07 -18.74
CA ASP A 92 1.00 16.21 -19.64
C ASP A 92 1.94 17.27 -19.04
N LYS A 93 3.19 16.87 -18.83
CA LYS A 93 4.20 17.73 -18.21
C LYS A 93 4.41 18.98 -19.04
N SER A 94 4.49 20.12 -18.36
CA SER A 94 4.73 21.37 -19.05
C SER A 94 6.15 21.42 -19.59
N THR A 95 6.37 22.33 -20.52
CA THR A 95 7.70 22.55 -21.05
C THR A 95 8.03 24.01 -20.77
N SER A 96 9.10 24.48 -21.40
CA SER A 96 9.51 25.87 -21.27
C SER A 96 8.46 26.81 -21.84
N SER A 97 7.68 26.32 -22.80
CA SER A 97 6.70 27.17 -23.47
C SER A 97 5.34 26.56 -23.76
N CYS A 98 4.98 25.51 -23.05
CA CYS A 98 3.65 24.94 -23.15
C CYS A 98 3.23 24.61 -21.72
N ILE A 99 2.22 25.31 -21.22
CA ILE A 99 1.78 25.11 -19.83
C ILE A 99 0.94 23.84 -19.68
N SER A 100 0.18 23.50 -20.71
CA SER A 100 -0.74 22.35 -20.70
C SER A 100 -1.34 22.12 -22.08
N THR A 101 -1.74 20.89 -22.37
CA THR A 101 -2.46 20.56 -23.60
C THR A 101 -3.94 20.81 -23.44
N ASN A 102 -4.40 20.91 -22.21
CA ASN A 102 -5.80 21.17 -21.92
C ASN A 102 -5.86 22.23 -20.81
N ALA A 103 -5.55 23.47 -21.19
CA ALA A 103 -5.48 24.57 -20.23
C ALA A 103 -6.77 24.84 -19.45
N LEU A 104 -7.92 24.47 -20.02
CA LEU A 104 -9.21 24.76 -19.39
C LEU A 104 -9.84 23.55 -18.75
N LEU A 105 -9.06 22.47 -18.65
CA LEU A 105 -9.54 21.26 -18.00
C LEU A 105 -9.05 21.31 -16.55
N PRO A 106 -9.95 21.55 -15.61
CA PRO A 106 -9.54 21.71 -14.22
C PRO A 106 -9.12 20.40 -13.59
N ASP A 107 -8.42 20.53 -12.47
CA ASP A 107 -8.07 19.38 -11.68
C ASP A 107 -9.26 19.07 -10.75
N PRO A 108 -9.74 17.83 -10.75
CA PRO A 108 -10.93 17.46 -9.98
C PRO A 108 -10.75 17.52 -8.46
N TYR A 109 -9.56 17.22 -7.97
CA TYR A 109 -9.27 17.26 -6.53
C TYR A 109 -9.24 18.73 -6.08
N GLU A 110 -8.57 19.58 -6.86
CA GLU A 110 -8.49 20.99 -6.56
C GLU A 110 -9.87 21.64 -6.63
N SER A 111 -10.65 21.23 -7.63
CA SER A 111 -12.00 21.76 -7.91
C SER A 111 -12.98 21.58 -6.73
N GLU A 112 -12.76 20.53 -5.95
CA GLU A 112 -13.60 20.29 -4.79
C GLU A 112 -13.14 21.04 -3.55
N ARG A 113 -11.98 21.71 -3.61
CA ARG A 113 -11.40 22.32 -2.42
C ARG A 113 -11.19 23.83 -2.44
N VAL A 114 -10.95 24.38 -3.62
CA VAL A 114 -10.63 25.80 -3.72
C VAL A 114 -11.32 26.46 -4.88
N TYR A 115 -11.42 27.80 -4.82
CA TYR A 115 -11.98 28.58 -5.90
C TYR A 115 -11.27 29.93 -5.91
N VAL A 116 -11.35 30.60 -7.05
CA VAL A 116 -10.75 31.91 -7.20
C VAL A 116 -11.84 32.98 -7.07
N ALA A 117 -11.54 34.05 -6.34
CA ALA A 117 -12.47 35.17 -6.18
C ALA A 117 -11.68 36.42 -5.83
N GLU A 118 -12.36 37.56 -5.78
CA GLU A 118 -11.69 38.78 -5.40
C GLU A 118 -11.03 38.56 -4.03
N SER A 119 -9.75 38.90 -3.91
CA SER A 119 -9.07 38.77 -2.62
C SER A 119 -9.64 39.73 -1.57
N LEU A 120 -9.56 39.32 -0.31
CA LEU A 120 -9.98 40.18 0.79
C LEU A 120 -8.90 41.23 1.05
N ILE A 121 -7.71 40.99 0.51
CA ILE A 121 -6.60 41.91 0.65
C ILE A 121 -6.80 43.08 -0.30
N SER A 122 -6.79 44.27 0.26
CA SER A 122 -7.01 45.47 -0.52
C SER A 122 -6.07 45.59 -1.71
N SER A 123 -6.64 45.82 -2.88
CA SER A 123 -5.86 46.05 -4.11
C SER A 123 -4.94 44.90 -4.47
N ALA A 124 -5.34 43.68 -4.11
CA ALA A 124 -4.51 42.50 -4.37
C ALA A 124 -5.06 41.61 -5.46
N GLY A 125 -5.94 42.15 -6.30
CA GLY A 125 -6.51 41.39 -7.41
C GLY A 125 -7.32 40.21 -6.90
N GLU A 126 -7.18 39.07 -7.58
CA GLU A 126 -7.89 37.86 -7.19
C GLU A 126 -7.13 37.11 -6.11
N GLY A 127 -7.84 36.28 -5.37
CA GLY A 127 -7.22 35.43 -4.36
C GLY A 127 -7.73 34.00 -4.50
N LEU A 128 -7.17 33.11 -3.69
CA LEU A 128 -7.55 31.70 -3.68
C LEU A 128 -8.28 31.43 -2.38
N PHE A 129 -9.43 30.76 -2.44
CA PHE A 129 -10.23 30.51 -1.25
C PHE A 129 -10.57 29.05 -1.11
N SER A 130 -10.73 28.60 0.13
CA SER A 130 -11.19 27.25 0.40
C SER A 130 -12.70 27.16 0.24
N LYS A 131 -13.15 26.02 -0.26
CA LYS A 131 -14.59 25.68 -0.38
C LYS A 131 -15.00 24.80 0.79
N VAL A 132 -14.02 24.32 1.55
CA VAL A 132 -14.28 23.30 2.54
C VAL A 132 -13.56 23.54 3.85
N ALA A 133 -14.07 22.91 4.89
CA ALA A 133 -13.39 22.93 6.17
C ALA A 133 -12.44 21.74 6.13
N VAL A 134 -11.15 21.97 6.33
CA VAL A 134 -10.19 20.87 6.35
C VAL A 134 -9.22 21.06 7.48
N GLY A 135 -8.48 20.03 7.82
CA GLY A 135 -7.52 20.11 8.89
C GLY A 135 -6.16 20.59 8.41
N PRO A 136 -5.19 20.53 9.30
CA PRO A 136 -3.83 20.96 8.98
C PRO A 136 -3.19 19.99 8.04
N ASN A 137 -2.18 20.48 7.35
CA ASN A 137 -1.37 19.69 6.43
C ASN A 137 -2.16 19.13 5.26
N THR A 138 -3.22 19.82 4.87
CA THR A 138 -4.05 19.38 3.77
C THR A 138 -3.64 20.01 2.46
N VAL A 139 -3.39 19.17 1.46
CA VAL A 139 -3.11 19.67 0.11
C VAL A 139 -4.41 20.24 -0.45
N MET A 140 -4.37 21.50 -0.89
CA MET A 140 -5.56 22.20 -1.37
C MET A 140 -5.54 22.55 -2.84
N SER A 141 -4.35 22.81 -3.37
CA SER A 141 -4.23 23.37 -4.71
C SER A 141 -2.89 23.02 -5.32
N PHE A 142 -2.83 23.03 -6.64
CA PHE A 142 -1.60 22.71 -7.35
C PHE A 142 -1.02 23.91 -8.04
N TYR A 143 0.31 24.00 -8.02
CA TYR A 143 1.03 25.12 -8.63
C TYR A 143 1.80 24.56 -9.82
N ASN A 144 1.08 24.39 -10.92
CA ASN A 144 1.69 23.98 -12.19
C ASN A 144 2.05 25.22 -12.99
N GLY A 145 2.98 25.10 -13.91
CA GLY A 145 3.34 26.19 -14.79
C GLY A 145 4.45 25.77 -15.74
N VAL A 146 4.85 26.67 -16.64
CA VAL A 146 5.93 26.39 -17.57
C VAL A 146 7.21 26.31 -16.75
N ARG A 147 8.22 25.63 -17.29
CA ARG A 147 9.45 25.40 -16.56
C ARG A 147 10.56 26.17 -17.20
N ILE A 148 11.12 27.14 -16.49
CA ILE A 148 12.19 27.97 -17.04
C ILE A 148 13.39 28.01 -16.09
N THR A 149 14.48 28.64 -16.50
CA THR A 149 15.65 28.65 -15.64
C THR A 149 15.65 29.81 -14.65
N HIS A 150 16.36 29.62 -13.54
CA HIS A 150 16.56 30.70 -12.57
C HIS A 150 17.26 31.88 -13.25
N GLN A 151 18.15 31.59 -14.18
CA GLN A 151 18.88 32.63 -14.89
C GLN A 151 17.92 33.54 -15.68
N GLU A 152 16.99 32.92 -16.40
CA GLU A 152 16.00 33.67 -17.17
C GLU A 152 15.18 34.56 -16.23
N VAL A 153 14.68 33.96 -15.15
CA VAL A 153 13.85 34.67 -14.20
C VAL A 153 14.61 35.75 -13.44
N ASP A 154 15.81 35.39 -12.97
CA ASP A 154 16.61 36.30 -12.18
C ASP A 154 17.12 37.49 -13.00
N SER A 155 17.25 37.32 -14.32
CA SER A 155 17.77 38.36 -15.20
C SER A 155 16.73 39.34 -15.76
N ARG A 156 15.44 39.03 -15.61
CA ARG A 156 14.38 39.90 -16.14
C ARG A 156 13.68 40.75 -15.06
N ASP A 157 12.86 41.69 -15.52
CA ASP A 157 12.14 42.63 -14.65
C ASP A 157 11.16 41.96 -13.68
N TRP A 158 11.02 42.51 -12.48
CA TRP A 158 10.06 42.01 -11.50
C TRP A 158 8.66 41.96 -12.09
N ALA A 159 8.39 42.86 -13.04
CA ALA A 159 7.09 42.92 -13.69
C ALA A 159 6.71 41.63 -14.41
N LEU A 160 7.70 40.80 -14.72
CA LEU A 160 7.43 39.51 -15.39
C LEU A 160 7.51 38.36 -14.39
N ASN A 161 7.75 38.67 -13.13
CA ASN A 161 7.99 37.67 -12.10
C ASN A 161 6.96 37.63 -10.98
N GLY A 162 5.73 37.95 -11.33
CA GLY A 162 4.67 37.90 -10.34
C GLY A 162 4.36 36.48 -9.90
N ASN A 163 4.44 35.53 -10.84
CA ASN A 163 4.04 34.14 -10.60
C ASN A 163 5.15 33.09 -10.61
N THR A 164 6.40 33.52 -10.62
CA THR A 164 7.50 32.56 -10.58
C THR A 164 7.63 31.96 -9.19
N LEU A 165 7.81 30.65 -9.16
CA LEU A 165 8.01 29.91 -7.93
C LEU A 165 9.15 28.92 -8.14
N SER A 166 10.16 28.96 -7.29
CA SER A 166 11.28 28.03 -7.44
C SER A 166 10.84 26.59 -7.19
N LEU A 167 11.14 25.70 -8.12
CA LEU A 167 10.79 24.30 -8.04
C LEU A 167 11.97 23.52 -7.45
N ASP A 168 13.13 23.69 -8.06
CA ASP A 168 14.34 23.03 -7.61
C ASP A 168 15.55 23.87 -8.05
N GLU A 169 16.75 23.30 -7.98
CA GLU A 169 17.95 24.06 -8.35
C GLU A 169 18.05 24.45 -9.83
N GLU A 170 17.38 23.69 -10.70
CA GLU A 170 17.44 23.95 -12.14
C GLU A 170 16.17 24.51 -12.74
N THR A 171 15.09 24.57 -11.95
CA THR A 171 13.82 24.95 -12.50
C THR A 171 13.00 25.94 -11.69
N VAL A 172 12.41 26.88 -12.41
CA VAL A 172 11.45 27.80 -11.86
C VAL A 172 10.14 27.55 -12.58
N ILE A 173 9.05 27.43 -11.81
CA ILE A 173 7.74 27.29 -12.40
C ILE A 173 7.15 28.68 -12.56
N ASP A 174 6.56 28.96 -13.72
CA ASP A 174 5.92 30.25 -13.94
C ASP A 174 4.54 30.08 -14.58
N VAL A 175 3.66 31.04 -14.31
CA VAL A 175 2.36 31.12 -14.95
C VAL A 175 2.30 32.51 -15.61
N PRO A 176 2.86 32.60 -16.81
CA PRO A 176 2.98 33.85 -17.55
C PRO A 176 1.70 34.29 -18.21
N GLU A 177 1.68 35.54 -18.66
CA GLU A 177 0.55 36.04 -19.39
C GLU A 177 0.48 35.15 -20.62
N PRO A 178 -0.71 34.76 -21.07
CA PRO A 178 -2.00 35.15 -20.51
C PRO A 178 -2.62 34.12 -19.58
N TYR A 179 -1.83 33.13 -19.20
CA TYR A 179 -2.33 32.06 -18.35
C TYR A 179 -2.58 32.44 -16.89
N ASN A 180 -2.28 33.68 -16.51
CA ASN A 180 -2.56 34.15 -15.15
C ASN A 180 -4.04 34.57 -15.03
N HIS A 181 -4.79 34.40 -16.10
CA HIS A 181 -6.22 34.68 -16.11
C HIS A 181 -6.97 33.37 -16.20
N VAL A 182 -7.90 33.17 -15.27
CA VAL A 182 -8.63 31.91 -15.17
C VAL A 182 -9.40 31.57 -16.45
N SER A 183 -9.80 32.61 -17.18
CA SER A 183 -10.50 32.42 -18.44
C SER A 183 -9.62 31.72 -19.49
N LYS A 184 -8.30 31.81 -19.32
CA LYS A 184 -7.36 31.21 -20.28
C LYS A 184 -6.72 29.94 -19.72
N TYR A 185 -6.60 29.85 -18.40
CA TYR A 185 -5.95 28.72 -17.75
C TYR A 185 -6.54 28.45 -16.36
N CYS A 186 -7.11 27.27 -16.17
CA CYS A 186 -7.65 26.85 -14.87
C CYS A 186 -7.29 25.40 -14.54
N ALA A 187 -6.30 24.84 -15.21
CA ALA A 187 -5.91 23.46 -14.92
C ALA A 187 -5.35 23.32 -13.49
N SER A 188 -4.72 24.39 -13.00
CA SER A 188 -4.23 24.43 -11.64
C SER A 188 -4.45 25.88 -11.17
N LEU A 189 -4.49 26.09 -9.87
CA LEU A 189 -4.85 27.40 -9.35
C LEU A 189 -3.92 27.96 -8.28
N GLY A 190 -2.82 27.26 -7.99
CA GLY A 190 -1.88 27.68 -6.95
C GLY A 190 -1.33 29.09 -7.09
N HIS A 191 -1.17 29.56 -8.32
CA HIS A 191 -0.65 30.88 -8.60
C HIS A 191 -1.62 32.01 -8.24
N LYS A 192 -2.83 31.66 -7.81
CA LYS A 192 -3.82 32.66 -7.41
C LYS A 192 -3.81 32.97 -5.90
N ALA A 193 -3.03 32.22 -5.12
CA ALA A 193 -2.96 32.48 -3.70
C ALA A 193 -2.10 33.71 -3.50
N ASN A 194 -2.65 34.68 -2.78
CA ASN A 194 -1.94 35.90 -2.46
C ASN A 194 -0.96 35.69 -1.30
N HIS A 195 -0.11 36.68 -1.10
CA HIS A 195 0.87 36.64 -0.05
C HIS A 195 0.34 37.16 1.30
N SER A 196 0.86 36.55 2.35
CA SER A 196 0.64 37.04 3.70
C SER A 196 1.84 36.70 4.56
N PHE A 197 2.14 37.59 5.51
CA PHE A 197 3.21 37.33 6.47
C PHE A 197 2.64 36.54 7.63
N THR A 198 1.31 36.36 7.64
CA THR A 198 0.64 35.47 8.59
C THR A 198 -0.18 34.45 7.79
N PRO A 199 0.50 33.64 6.99
CA PRO A 199 -0.19 32.74 6.08
C PRO A 199 -0.84 31.56 6.76
N ASN A 200 -1.84 30.98 6.10
CA ASN A 200 -2.47 29.76 6.60
C ASN A 200 -2.02 28.54 5.79
N CYS A 201 -1.21 28.76 4.74
CA CYS A 201 -0.68 27.70 3.89
C CYS A 201 0.80 27.88 3.60
N ILE A 202 1.37 26.86 2.98
CA ILE A 202 2.77 26.88 2.56
C ILE A 202 2.84 26.22 1.18
N TYR A 203 3.90 26.50 0.43
CA TYR A 203 4.15 25.79 -0.82
C TYR A 203 4.90 24.51 -0.43
N ASP A 204 4.55 23.39 -1.04
CA ASP A 204 5.22 22.12 -0.73
C ASP A 204 5.43 21.32 -2.01
N MET A 205 6.31 20.34 -1.96
CA MET A 205 6.59 19.52 -3.12
C MET A 205 5.35 18.67 -3.43
N PHE A 206 5.16 18.35 -4.70
CA PHE A 206 4.05 17.48 -5.08
C PHE A 206 4.38 16.76 -6.38
N VAL A 207 4.03 15.48 -6.44
CA VAL A 207 4.21 14.69 -7.65
C VAL A 207 2.81 14.37 -8.17
N HIS A 208 2.46 14.98 -9.31
CA HIS A 208 1.11 14.93 -9.83
C HIS A 208 1.07 14.04 -11.08
N PRO A 209 0.04 13.23 -11.26
CA PRO A 209 -0.01 12.29 -12.39
C PRO A 209 -0.19 12.97 -13.74
N ARG A 210 -0.68 14.19 -13.72
CA ARG A 210 -0.87 14.95 -14.95
C ARG A 210 0.27 15.96 -15.14
N PHE A 211 0.56 16.72 -14.10
CA PHE A 211 1.55 17.80 -14.20
C PHE A 211 2.99 17.36 -13.95
N GLY A 212 3.19 16.18 -13.36
CA GLY A 212 4.54 15.76 -13.03
C GLY A 212 4.98 16.44 -11.74
N PRO A 213 6.27 16.61 -11.57
CA PRO A 213 6.82 17.20 -10.35
C PRO A 213 6.60 18.69 -10.33
N ILE A 214 5.80 19.12 -9.37
CA ILE A 214 5.45 20.53 -9.23
C ILE A 214 5.44 20.89 -7.75
N LYS A 215 4.75 21.96 -7.41
CA LYS A 215 4.53 22.32 -6.02
C LYS A 215 3.03 22.33 -5.77
N CYS A 216 2.64 22.28 -4.51
CA CYS A 216 1.24 22.37 -4.16
C CYS A 216 1.12 23.41 -3.06
N ILE A 217 -0.11 23.74 -2.72
CA ILE A 217 -0.42 24.58 -1.57
C ILE A 217 -1.00 23.67 -0.50
N ARG A 218 -0.40 23.69 0.69
CA ARG A 218 -0.79 22.81 1.78
C ARG A 218 -1.09 23.67 3.01
N THR A 219 -2.19 23.39 3.70
CA THR A 219 -2.52 24.20 4.87
C THR A 219 -1.52 23.99 5.99
N LEU A 220 -1.28 25.03 6.77
CA LEU A 220 -0.46 24.95 7.96
C LEU A 220 -1.30 24.57 9.18
N ARG A 221 -2.59 24.83 9.10
CA ARG A 221 -3.51 24.55 10.18
C ARG A 221 -4.89 24.41 9.57
N ALA A 222 -5.88 24.05 10.39
CA ALA A 222 -7.24 23.92 9.92
C ALA A 222 -7.73 25.25 9.32
N VAL A 223 -8.48 25.12 8.23
CA VAL A 223 -9.04 26.24 7.52
C VAL A 223 -10.54 26.00 7.39
N GLU A 224 -11.32 27.07 7.40
CA GLU A 224 -12.77 26.94 7.21
C GLU A 224 -13.22 27.18 5.76
N ALA A 225 -14.45 26.79 5.47
CA ALA A 225 -15.05 27.09 4.18
C ALA A 225 -15.04 28.62 3.98
N ASP A 226 -14.67 29.04 2.77
CA ASP A 226 -14.66 30.45 2.37
C ASP A 226 -13.56 31.30 2.99
N GLU A 227 -12.60 30.64 3.64
CA GLU A 227 -11.43 31.32 4.16
C GLU A 227 -10.44 31.54 3.02
N GLU A 228 -9.87 32.74 2.92
CA GLU A 228 -8.86 32.97 1.89
C GLU A 228 -7.60 32.20 2.26
N LEU A 229 -6.96 31.59 1.26
CA LEU A 229 -5.71 30.86 1.42
C LEU A 229 -4.54 31.77 1.06
N THR A 230 -3.58 31.86 1.95
CA THR A 230 -2.43 32.72 1.74
C THR A 230 -1.16 31.96 2.04
N VAL A 231 -0.09 32.39 1.38
CA VAL A 231 1.21 31.77 1.54
C VAL A 231 2.24 32.86 1.68
N ALA A 232 3.29 32.63 2.45
CA ALA A 232 4.39 33.58 2.51
C ALA A 232 5.23 33.33 1.25
N TYR A 233 5.38 34.35 0.40
CA TYR A 233 6.10 34.19 -0.86
C TYR A 233 7.60 33.89 -0.64
N GLY A 234 8.14 34.30 0.49
CA GLY A 234 9.51 33.91 0.83
C GLY A 234 10.61 34.63 0.05
N TYR A 235 10.38 35.89 -0.29
CA TYR A 235 11.41 36.64 -1.00
C TYR A 235 12.56 36.97 -0.05
N ASP A 236 13.75 37.22 -0.57
CA ASP A 236 14.91 37.53 0.27
C ASP A 236 14.80 38.96 0.81
N HIS A 237 14.70 39.09 2.13
CA HIS A 237 14.56 40.40 2.78
C HIS A 237 15.87 41.17 2.89
N SER A 238 16.99 40.45 2.89
CA SER A 238 18.31 41.05 3.03
C SER A 238 19.33 40.32 2.20
N PRO A 239 19.33 40.57 0.90
CA PRO A 239 20.26 39.94 -0.03
C PRO A 239 21.70 40.33 0.29
N PRO A 240 22.62 39.43 -0.06
CA PRO A 240 24.05 39.62 0.17
C PRO A 240 24.69 40.78 -0.61
N GLY A 241 24.10 41.19 -1.73
CA GLY A 241 24.68 42.24 -2.57
C GLY A 241 24.15 43.65 -2.30
N LYS A 242 23.92 43.95 -1.03
CA LYS A 242 23.43 45.26 -0.58
C LYS A 242 21.91 45.33 -0.62
N SER A 243 21.37 45.27 0.60
CA SER A 243 19.96 45.12 0.87
C SER A 243 18.97 46.17 0.46
N GLY A 244 17.75 45.80 0.79
CA GLY A 244 16.54 46.43 0.39
C GLY A 244 16.03 45.10 -0.16
N PRO A 245 14.92 44.58 0.31
CA PRO A 245 14.48 43.24 -0.12
C PRO A 245 14.44 43.13 -1.63
N GLU A 246 14.86 41.98 -2.17
CA GLU A 246 14.80 41.77 -3.60
C GLU A 246 13.39 41.30 -3.86
N ALA A 247 12.46 42.25 -3.82
CA ALA A 247 11.05 41.94 -3.95
C ALA A 247 10.30 43.10 -4.57
N PRO A 248 9.12 42.82 -5.09
CA PRO A 248 8.27 43.84 -5.69
C PRO A 248 7.91 44.90 -4.66
N GLU A 249 7.57 46.09 -5.14
CA GLU A 249 7.27 47.20 -4.24
C GLU A 249 6.14 46.90 -3.28
N TRP A 250 5.06 46.31 -3.77
CA TRP A 250 3.91 46.02 -2.93
C TRP A 250 4.32 45.14 -1.75
N TYR A 251 5.28 44.25 -1.96
CA TYR A 251 5.77 43.32 -0.94
C TYR A 251 6.58 44.07 0.10
N GLN A 252 7.47 44.94 -0.37
CA GLN A 252 8.30 45.76 0.50
C GLN A 252 7.42 46.64 1.38
N VAL A 253 6.33 47.14 0.80
CA VAL A 253 5.40 47.98 1.51
C VAL A 253 4.67 47.17 2.59
N GLU A 254 4.19 45.99 2.22
CA GLU A 254 3.47 45.14 3.15
C GLU A 254 4.39 44.67 4.28
N LEU A 255 5.67 44.52 3.95
CA LEU A 255 6.67 44.08 4.92
C LEU A 255 6.80 45.14 6.02
N LYS A 256 6.89 46.39 5.59
CA LYS A 256 6.99 47.50 6.53
C LYS A 256 5.73 47.55 7.40
N ALA A 257 4.58 47.34 6.78
CA ALA A 257 3.30 47.32 7.47
C ALA A 257 3.23 46.14 8.43
N PHE A 258 3.89 45.04 8.10
CA PHE A 258 3.91 43.85 8.94
C PHE A 258 4.78 44.05 10.18
N GLN A 259 6.03 44.45 9.94
CA GLN A 259 6.99 44.69 11.02
C GLN A 259 6.37 45.69 11.98
N ALA A 260 5.60 46.61 11.41
CA ALA A 260 4.80 47.53 12.20
C ALA A 260 3.53 46.74 12.46
N THR A 261 2.81 47.04 13.53
CA THR A 261 1.58 46.29 13.82
C THR A 261 1.86 44.87 14.32
N GLN A 262 3.08 44.37 14.10
CA GLN A 262 3.45 43.05 14.62
C GLN A 262 3.37 43.18 16.15
N GLN A 263 2.91 42.13 16.82
CA GLN A 263 2.79 42.17 18.28
C GLN A 263 4.10 41.70 18.94
N LYS A 264 5.21 42.27 18.46
CA LYS A 264 6.57 41.92 18.88
C LYS A 264 6.96 40.56 18.31
N LEU B 1 16.32 34.19 -7.00
CA LEU B 1 16.05 35.48 -6.28
C LEU B 1 14.61 35.96 -6.50
N LYS B 2 14.33 36.59 -7.63
CA LYS B 2 12.98 36.88 -8.13
C LYS B 2 12.01 35.73 -8.37
N SER B 3 11.92 34.83 -7.39
CA SER B 3 10.94 33.76 -7.47
C SER B 3 10.66 33.32 -6.03
N MLZ B 4 9.18 33.01 -5.91
CA MLZ B 4 8.87 32.55 -4.56
CB MLZ B 4 7.41 32.12 -4.57
CG MLZ B 4 6.47 33.20 -5.09
CD MLZ B 4 5.16 32.57 -5.58
CE MLZ B 4 4.24 33.67 -6.06
NZ MLZ B 4 2.95 33.07 -6.39
CM MLZ B 4 1.93 33.95 -6.97
C MLZ B 4 9.73 31.38 -4.15
O MLZ B 4 10.14 30.59 -4.97
N LYS B 5 10.05 31.47 -2.62
CA LYS B 5 10.79 30.26 -2.21
C LYS B 5 9.99 29.51 -1.15
N GLY B 6 9.24 28.48 -1.55
CA GLY B 6 8.81 27.42 -0.66
C GLY B 6 9.61 27.37 0.63
N GLY C 15 9.70 7.41 -0.72
CA GLY C 15 8.57 6.60 -1.29
C GLY C 15 8.39 5.16 -0.82
N VAL C 16 7.72 4.97 0.30
CA VAL C 16 7.09 3.72 0.70
C VAL C 16 6.23 2.95 -0.32
N CYS C 17 6.61 1.70 -0.55
CA CYS C 17 5.85 0.80 -1.41
C CYS C 17 5.26 -0.29 -0.55
N TRP C 18 4.04 -0.71 -0.88
CA TRP C 18 3.39 -1.83 -0.22
C TRP C 18 3.17 -2.84 -1.34
N ILE C 19 3.53 -4.11 -1.10
CA ILE C 19 3.28 -5.15 -2.07
C ILE C 19 2.39 -6.16 -1.36
N TYR C 20 1.14 -6.27 -1.78
CA TYR C 20 0.21 -7.18 -1.15
C TYR C 20 0.13 -8.51 -1.89
N TYR C 21 0.16 -9.59 -1.14
CA TYR C 21 -0.04 -10.90 -1.69
C TYR C 21 -1.54 -11.16 -1.68
N PRO C 22 -2.00 -12.02 -2.58
CA PRO C 22 -3.41 -12.39 -2.62
C PRO C 22 -3.92 -12.94 -1.29
N ASP C 23 -3.03 -13.51 -0.50
CA ASP C 23 -3.43 -14.08 0.79
C ASP C 23 -3.63 -13.02 1.87
N GLY C 24 -3.35 -11.76 1.56
CA GLY C 24 -3.54 -10.68 2.50
C GLY C 24 -2.30 -10.16 3.19
N GLY C 25 -1.24 -10.96 3.16
CA GLY C 25 0.03 -10.50 3.70
C GLY C 25 0.58 -9.45 2.76
N SER C 26 1.61 -8.75 3.24
CA SER C 26 2.24 -7.70 2.45
C SER C 26 3.68 -7.44 2.87
N LEU C 27 4.44 -6.87 1.94
CA LEU C 27 5.79 -6.40 2.17
C LEU C 27 5.71 -4.88 2.09
N VAL C 28 6.37 -4.18 3.01
CA VAL C 28 6.33 -2.71 3.01
C VAL C 28 7.64 -2.09 3.42
N GLY C 29 8.04 -1.06 2.68
CA GLY C 29 9.19 -0.25 3.05
C GLY C 29 9.60 0.67 1.91
N GLU C 30 10.64 1.45 2.13
CA GLU C 30 11.21 2.28 1.08
C GLU C 30 12.11 1.43 0.21
N VAL C 31 12.04 1.60 -1.10
CA VAL C 31 12.85 0.80 -2.04
C VAL C 31 14.23 1.44 -2.29
N ASN C 32 15.19 0.63 -2.74
CA ASN C 32 16.54 1.13 -3.04
C ASN C 32 16.53 1.85 -4.39
N GLU C 33 17.67 2.41 -4.77
CA GLU C 33 17.78 3.16 -6.02
C GLU C 33 17.70 2.23 -7.23
N ASP C 34 17.35 0.97 -6.98
CA ASP C 34 17.14 -0.01 -8.04
C ASP C 34 15.67 -0.43 -8.02
N GLY C 35 14.93 0.05 -7.03
CA GLY C 35 13.52 -0.26 -6.90
C GLY C 35 13.32 -1.53 -6.08
N GLU C 36 14.38 -1.98 -5.42
CA GLU C 36 14.36 -3.21 -4.63
C GLU C 36 14.06 -2.98 -3.15
N MET C 37 13.34 -3.92 -2.58
CA MET C 37 12.99 -3.87 -1.17
C MET C 37 14.18 -4.33 -0.35
N THR C 38 15.17 -3.46 -0.26
CA THR C 38 16.42 -3.73 0.42
C THR C 38 16.72 -2.62 1.43
N GLY C 39 16.89 -3.01 2.69
CA GLY C 39 17.15 -2.04 3.74
C GLY C 39 16.97 -2.64 5.12
N GLU C 40 17.13 -1.83 6.16
CA GLU C 40 17.00 -2.27 7.55
C GLU C 40 15.65 -1.92 8.14
N LYS C 41 14.79 -1.30 7.34
CA LYS C 41 13.49 -0.84 7.82
C LYS C 41 12.36 -1.35 6.93
N ILE C 42 12.50 -2.60 6.50
CA ILE C 42 11.51 -3.26 5.68
C ILE C 42 10.70 -4.14 6.60
N ALA C 43 9.45 -4.42 6.23
CA ALA C 43 8.63 -5.29 7.05
C ALA C 43 7.73 -6.21 6.23
N TYR C 44 7.56 -7.41 6.73
CA TYR C 44 6.48 -8.26 6.25
C TYR C 44 5.34 -8.05 7.24
N VAL C 45 4.16 -7.79 6.72
CA VAL C 45 2.99 -7.63 7.55
C VAL C 45 2.03 -8.81 7.30
N TYR C 46 1.67 -9.52 8.37
CA TYR C 46 0.75 -10.64 8.28
C TYR C 46 -0.66 -10.19 7.85
N PRO C 47 -1.52 -11.13 7.47
CA PRO C 47 -2.87 -10.82 7.01
C PRO C 47 -3.76 -10.09 7.99
N ASP C 48 -3.41 -10.03 9.27
CA ASP C 48 -4.20 -9.25 10.22
C ASP C 48 -3.91 -7.75 10.12
N GLU C 49 -2.96 -7.41 9.24
CA GLU C 49 -2.55 -6.02 9.01
C GLU C 49 -2.06 -5.36 10.30
N ARG C 50 -1.59 -6.17 11.23
CA ARG C 50 -1.13 -5.70 12.54
C ARG C 50 0.21 -6.32 12.94
N THR C 51 0.27 -7.63 12.84
CA THR C 51 1.48 -8.37 13.19
C THR C 51 2.50 -8.29 12.09
N ALA C 52 3.74 -8.03 12.46
CA ALA C 52 4.79 -7.81 11.45
C ALA C 52 6.15 -8.35 11.86
N LEU C 53 6.97 -8.59 10.83
CA LEU C 53 8.37 -8.97 11.02
C LEU C 53 9.12 -7.82 10.37
N TYR C 54 9.78 -7.02 11.20
CA TYR C 54 10.41 -5.77 10.82
C TYR C 54 11.92 -5.86 10.96
N GLY C 55 12.65 -5.42 9.93
CA GLY C 55 14.09 -5.41 9.98
C GLY C 55 14.79 -5.44 8.64
N LYS C 56 15.83 -6.26 8.57
CA LYS C 56 16.68 -6.32 7.39
C LYS C 56 16.15 -7.25 6.31
N PHE C 57 15.93 -6.70 5.13
CA PHE C 57 15.49 -7.46 3.97
C PHE C 57 16.43 -7.13 2.81
N ILE C 58 16.62 -8.07 1.88
CA ILE C 58 17.39 -7.82 0.67
C ILE C 58 16.54 -8.29 -0.50
N ASP C 59 16.18 -7.37 -1.40
CA ASP C 59 15.35 -7.70 -2.56
C ASP C 59 14.07 -8.40 -2.13
N GLY C 60 13.48 -7.96 -1.02
CA GLY C 60 12.24 -8.53 -0.55
C GLY C 60 12.40 -9.80 0.25
N GLU C 61 13.63 -10.28 0.40
CA GLU C 61 13.89 -11.50 1.15
C GLU C 61 14.24 -11.15 2.59
N MET C 62 13.60 -11.80 3.54
CA MET C 62 13.81 -11.50 4.95
C MET C 62 15.16 -12.05 5.43
N ILE C 63 16.05 -11.16 5.87
CA ILE C 63 17.35 -11.55 6.42
C ILE C 63 17.29 -11.59 7.96
N GLU C 64 16.71 -10.56 8.55
CA GLU C 64 16.58 -10.49 10.00
C GLU C 64 15.34 -9.69 10.31
N GLY C 65 14.23 -10.37 10.53
CA GLY C 65 12.98 -9.71 10.88
C GLY C 65 12.66 -9.95 12.35
N LYS C 66 12.25 -8.91 13.05
CA LYS C 66 11.91 -9.01 14.46
C LYS C 66 10.42 -8.77 14.60
N LEU C 67 9.80 -9.47 15.55
CA LEU C 67 8.37 -9.34 15.78
C LEU C 67 8.07 -7.88 16.09
N ALA C 68 7.05 -7.34 15.43
CA ALA C 68 6.68 -5.94 15.60
C ALA C 68 5.19 -5.81 15.45
N THR C 69 4.67 -4.66 15.87
CA THR C 69 3.27 -4.33 15.67
C THR C 69 3.18 -3.12 14.77
N LEU C 70 2.30 -3.21 13.78
CA LEU C 70 1.99 -2.07 12.94
C LEU C 70 0.98 -1.23 13.74
N MET C 71 1.45 -0.14 14.34
CA MET C 71 0.63 0.69 15.22
C MET C 71 -0.35 1.59 14.48
N SER C 72 0.09 2.10 13.35
CA SER C 72 -0.72 3.03 12.60
C SER C 72 -0.04 3.32 11.27
N THR C 73 -0.81 3.86 10.35
CA THR C 73 -0.30 4.24 9.05
C THR C 73 -0.78 5.64 8.74
N GLU C 74 0.14 6.49 8.29
CA GLU C 74 -0.20 7.84 7.96
C GLU C 74 0.17 8.08 6.51
N GLU C 75 -0.82 8.25 5.64
CA GLU C 75 -0.57 8.49 4.21
C GLU C 75 0.41 7.44 3.65
N GLY C 76 0.11 6.18 3.92
CA GLY C 76 0.92 5.07 3.44
C GLY C 76 2.19 4.79 4.22
N ARG C 77 2.55 5.69 5.14
CA ARG C 77 3.75 5.52 5.94
C ARG C 77 3.47 4.75 7.24
N PRO C 78 3.97 3.53 7.35
CA PRO C 78 3.74 2.71 8.53
C PRO C 78 4.59 3.14 9.72
N HIS C 79 4.04 2.94 10.90
CA HIS C 79 4.79 3.13 12.11
C HIS C 79 4.79 1.80 12.84
N PHE C 80 5.96 1.17 12.97
CA PHE C 80 6.07 -0.09 13.69
C PHE C 80 6.70 0.12 15.06
N GLU C 81 6.38 -0.75 16.01
CA GLU C 81 7.05 -0.73 17.30
C GLU C 81 7.34 -2.21 17.64
N LEU C 82 8.61 -2.50 17.92
CA LEU C 82 9.04 -3.87 18.16
C LEU C 82 8.36 -4.44 19.40
N MET C 83 7.99 -5.71 19.32
CA MET C 83 7.44 -6.41 20.47
C MET C 83 8.60 -6.82 21.36
N PRO C 84 8.32 -7.08 22.62
CA PRO C 84 9.34 -7.55 23.53
C PRO C 84 9.86 -8.90 23.06
N GLY C 85 11.07 -9.23 23.44
CA GLY C 85 11.65 -10.49 23.04
C GLY C 85 12.80 -10.29 22.09
N ASN C 86 13.59 -11.33 21.90
CA ASN C 86 14.76 -11.25 21.05
C ASN C 86 14.70 -12.22 19.88
N SER C 87 13.53 -12.80 19.65
CA SER C 87 13.37 -13.75 18.55
C SER C 87 13.55 -13.03 17.23
N VAL C 88 14.28 -13.66 16.32
CA VAL C 88 14.46 -13.11 14.99
C VAL C 88 14.11 -14.20 14.00
N TYR C 89 13.65 -13.78 12.83
CA TYR C 89 13.25 -14.72 11.81
C TYR C 89 13.92 -14.38 10.50
N HIS C 90 14.11 -15.38 9.66
CA HIS C 90 14.69 -15.14 8.34
C HIS C 90 14.09 -16.10 7.30
N PHE C 91 14.24 -15.76 6.02
CA PHE C 91 13.80 -16.62 4.92
C PHE C 91 14.57 -17.94 5.03
N ASP C 92 13.82 -19.03 5.16
CA ASP C 92 14.38 -20.32 5.48
C ASP C 92 13.55 -21.40 4.77
N LYS C 93 13.50 -21.33 3.45
CA LYS C 93 12.71 -22.26 2.65
C LYS C 93 13.17 -23.68 2.88
N SER C 94 12.22 -24.58 3.03
CA SER C 94 12.54 -25.98 3.22
C SER C 94 13.10 -26.56 1.94
N THR C 95 13.76 -27.71 2.07
CA THR C 95 14.26 -28.44 0.92
C THR C 95 13.59 -29.82 0.95
N SER C 96 14.10 -30.77 0.17
CA SER C 96 13.56 -32.11 0.15
C SER C 96 13.90 -32.83 1.45
N SER C 97 14.97 -32.39 2.13
CA SER C 97 15.43 -33.06 3.35
C SER C 97 15.33 -32.21 4.61
N CYS C 98 15.40 -30.90 4.46
CA CYS C 98 15.42 -30.01 5.61
C CYS C 98 14.08 -29.28 5.75
N ILE C 99 13.40 -29.52 6.85
CA ILE C 99 12.11 -28.89 7.06
C ILE C 99 12.26 -27.44 7.53
N SER C 100 13.29 -27.15 8.33
CA SER C 100 13.54 -25.82 8.89
C SER C 100 14.94 -25.77 9.55
N THR C 101 15.56 -24.59 9.62
CA THR C 101 16.80 -24.41 10.37
C THR C 101 16.52 -24.17 11.84
N ASN C 102 15.28 -23.82 12.15
CA ASN C 102 14.88 -23.58 13.54
C ASN C 102 13.55 -24.28 13.74
N ALA C 103 13.59 -25.60 13.85
CA ALA C 103 12.37 -26.41 13.95
C ALA C 103 11.47 -26.07 15.12
N LEU C 104 12.04 -25.56 16.22
CA LEU C 104 11.29 -25.31 17.43
C LEU C 104 10.97 -23.86 17.64
N LEU C 105 11.22 -23.04 16.63
CA LEU C 105 10.91 -21.63 16.69
C LEU C 105 9.54 -21.46 16.06
N PRO C 106 8.53 -21.19 16.88
CA PRO C 106 7.17 -21.09 16.36
C PRO C 106 6.96 -19.81 15.59
N ASP C 107 5.89 -19.83 14.83
CA ASP C 107 5.47 -18.65 14.09
C ASP C 107 4.60 -17.81 15.04
N PRO C 108 4.94 -16.54 15.20
CA PRO C 108 4.23 -15.69 16.16
C PRO C 108 2.78 -15.39 15.83
N TYR C 109 2.43 -15.32 14.54
CA TYR C 109 1.07 -15.05 14.12
C TYR C 109 0.22 -16.30 14.43
N GLU C 110 0.74 -17.46 14.09
CA GLU C 110 0.07 -18.72 14.36
C GLU C 110 -0.11 -18.97 15.86
N SER C 111 0.94 -18.64 16.61
CA SER C 111 1.00 -18.84 18.06
C SER C 111 -0.13 -18.10 18.79
N GLU C 112 -0.56 -16.98 18.22
CA GLU C 112 -1.63 -16.17 18.82
C GLU C 112 -3.02 -16.71 18.46
N ARG C 113 -3.08 -17.65 17.51
CA ARG C 113 -4.37 -18.08 16.95
C ARG C 113 -4.75 -19.54 17.16
N VAL C 114 -3.77 -20.41 17.24
CA VAL C 114 -4.04 -21.83 17.33
C VAL C 114 -3.14 -22.57 18.29
N TYR C 115 -3.60 -23.74 18.71
CA TYR C 115 -2.82 -24.61 19.57
C TYR C 115 -3.15 -26.05 19.23
N VAL C 116 -2.25 -26.94 19.61
CA VAL C 116 -2.44 -28.36 19.39
C VAL C 116 -2.90 -29.01 20.71
N ALA C 117 -3.88 -29.91 20.62
CA ALA C 117 -4.39 -30.65 21.76
C ALA C 117 -5.05 -31.92 21.27
N GLU C 118 -5.43 -32.79 22.19
CA GLU C 118 -6.13 -34.01 21.82
C GLU C 118 -7.35 -33.62 21.01
N SER C 119 -7.56 -34.27 19.87
CA SER C 119 -8.73 -33.98 19.03
C SER C 119 -10.01 -34.45 19.69
N LEU C 120 -11.11 -33.80 19.34
CA LEU C 120 -12.43 -34.21 19.82
C LEU C 120 -12.90 -35.41 19.03
N ILE C 121 -12.25 -35.64 17.89
CA ILE C 121 -12.59 -36.77 17.03
C ILE C 121 -12.01 -38.04 17.64
N SER C 122 -12.86 -39.03 17.83
CA SER C 122 -12.46 -40.29 18.45
C SER C 122 -11.28 -40.92 17.72
N SER C 123 -10.27 -41.31 18.49
CA SER C 123 -9.11 -42.03 17.96
C SER C 123 -8.43 -41.35 16.79
N ALA C 124 -8.42 -40.02 16.81
CA ALA C 124 -7.82 -39.23 15.73
C ALA C 124 -6.55 -38.52 16.19
N GLY C 125 -5.94 -38.99 17.28
CA GLY C 125 -4.70 -38.40 17.76
C GLY C 125 -4.90 -36.95 18.16
N GLU C 126 -3.93 -36.10 17.82
CA GLU C 126 -4.01 -34.69 18.16
C GLU C 126 -4.78 -33.92 17.10
N GLY C 127 -5.29 -32.76 17.48
CA GLY C 127 -5.96 -31.86 16.56
C GLY C 127 -5.46 -30.44 16.70
N LEU C 128 -5.98 -29.57 15.85
CA LEU C 128 -5.62 -28.17 15.85
C LEU C 128 -6.85 -27.37 16.29
N PHE C 129 -6.66 -26.46 17.24
CA PHE C 129 -7.74 -25.68 17.79
C PHE C 129 -7.47 -24.19 17.76
N SER C 130 -8.52 -23.39 17.64
CA SER C 130 -8.37 -21.95 17.72
C SER C 130 -8.30 -21.50 19.17
N LYS C 131 -7.56 -20.41 19.37
CA LYS C 131 -7.42 -19.74 20.68
C LYS C 131 -8.30 -18.51 20.71
N VAL C 132 -8.85 -18.14 19.56
CA VAL C 132 -9.55 -16.88 19.42
C VAL C 132 -10.84 -16.99 18.63
N ALA C 133 -11.69 -16.00 18.80
CA ALA C 133 -12.89 -15.88 17.99
C ALA C 133 -12.48 -15.04 16.79
N VAL C 134 -12.64 -15.57 15.58
CA VAL C 134 -12.32 -14.82 14.38
C VAL C 134 -13.43 -15.00 13.38
N GLY C 135 -13.43 -14.17 12.36
CA GLY C 135 -14.45 -14.24 11.35
C GLY C 135 -14.07 -15.18 10.24
N PRO C 136 -14.87 -15.18 9.19
CA PRO C 136 -14.64 -16.03 8.03
C PRO C 136 -13.44 -15.56 7.28
N ASN C 137 -12.84 -16.47 6.51
CA ASN C 137 -11.71 -16.17 5.64
C ASN C 137 -10.47 -15.71 6.41
N THR C 138 -10.32 -16.18 7.64
CA THR C 138 -9.18 -15.81 8.46
C THR C 138 -8.08 -16.84 8.36
N VAL C 139 -6.87 -16.39 8.06
CA VAL C 139 -5.73 -17.29 8.08
C VAL C 139 -5.41 -17.61 9.53
N MET C 140 -5.35 -18.89 9.85
CA MET C 140 -5.10 -19.34 11.21
C MET C 140 -3.77 -20.04 11.44
N SER C 141 -3.33 -20.79 10.44
CA SER C 141 -2.18 -21.67 10.63
C SER C 141 -1.44 -21.85 9.32
N PHE C 142 -0.16 -22.23 9.41
CA PHE C 142 0.68 -22.43 8.23
C PHE C 142 1.03 -23.89 8.06
N TYR C 143 1.01 -24.34 6.81
CA TYR C 143 1.30 -25.73 6.49
C TYR C 143 2.64 -25.74 5.76
N ASN C 144 3.71 -25.66 6.53
CA ASN C 144 5.05 -25.78 5.98
C ASN C 144 5.47 -27.23 6.03
N GLY C 145 6.45 -27.60 5.22
CA GLY C 145 6.98 -28.94 5.24
C GLY C 145 8.06 -29.09 4.20
N VAL C 146 8.68 -30.28 4.15
CA VAL C 146 9.70 -30.56 3.14
C VAL C 146 8.97 -30.63 1.81
N ARG C 147 9.71 -30.41 0.72
CA ARG C 147 9.14 -30.40 -0.62
C ARG C 147 9.63 -31.59 -1.42
N ILE C 148 8.70 -32.44 -1.84
CA ILE C 148 9.05 -33.63 -2.59
C ILE C 148 8.13 -33.74 -3.81
N THR C 149 8.40 -34.70 -4.69
CA THR C 149 7.60 -34.81 -5.90
C THR C 149 6.36 -35.66 -5.71
N HIS C 150 5.36 -35.42 -6.56
CA HIS C 150 4.16 -36.24 -6.54
C HIS C 150 4.55 -37.71 -6.80
N GLN C 151 5.55 -37.92 -7.64
CA GLN C 151 6.00 -39.26 -7.97
C GLN C 151 6.40 -40.04 -6.73
N GLU C 152 7.23 -39.43 -5.89
CA GLU C 152 7.68 -40.07 -4.66
C GLU C 152 6.49 -40.43 -3.81
N VAL C 153 5.62 -39.46 -3.58
CA VAL C 153 4.45 -39.63 -2.73
C VAL C 153 3.48 -40.66 -3.29
N ASP C 154 3.12 -40.51 -4.56
CA ASP C 154 2.14 -41.36 -5.21
C ASP C 154 2.62 -42.81 -5.30
N SER C 155 3.94 -43.01 -5.28
CA SER C 155 4.54 -44.35 -5.44
C SER C 155 4.87 -45.07 -4.12
N ARG C 156 4.63 -44.44 -2.98
CA ARG C 156 4.91 -45.07 -1.67
C ARG C 156 3.62 -45.39 -0.88
N ASP C 157 3.78 -46.14 0.21
CA ASP C 157 2.66 -46.57 1.06
C ASP C 157 1.85 -45.42 1.68
N TRP C 158 0.55 -45.62 1.84
CA TRP C 158 -0.30 -44.62 2.48
C TRP C 158 0.23 -44.35 3.89
N ALA C 159 0.91 -45.35 4.47
CA ALA C 159 1.45 -45.22 5.81
C ALA C 159 2.48 -44.09 5.93
N LEU C 160 3.06 -43.68 4.80
CA LEU C 160 4.04 -42.60 4.77
C LEU C 160 3.40 -41.29 4.31
N ASN C 161 2.11 -41.36 3.97
CA ASN C 161 1.41 -40.20 3.40
C ASN C 161 0.33 -39.55 4.26
N GLY C 162 0.47 -39.61 5.58
CA GLY C 162 -0.50 -38.99 6.47
C GLY C 162 -0.53 -37.47 6.37
N ASN C 163 0.64 -36.87 6.13
CA ASN C 163 0.78 -35.41 6.13
C ASN C 163 1.12 -34.76 4.78
N THR C 164 1.06 -35.51 3.69
CA THR C 164 1.34 -34.93 2.39
C THR C 164 0.21 -34.04 1.92
N LEU C 165 0.56 -32.87 1.41
CA LEU C 165 -0.41 -31.91 0.92
C LEU C 165 0.13 -31.41 -0.42
N SER C 166 -0.66 -31.52 -1.47
CA SER C 166 -0.23 -31.01 -2.77
C SER C 166 -0.10 -29.48 -2.74
N LEU C 167 1.06 -28.98 -3.16
CA LEU C 167 1.35 -27.55 -3.18
C LEU C 167 1.05 -27.00 -4.58
N ASP C 168 1.64 -27.65 -5.58
CA ASP C 168 1.47 -27.25 -6.96
C ASP C 168 1.68 -28.48 -7.85
N GLU C 169 1.75 -28.27 -9.16
CA GLU C 169 1.88 -29.40 -10.08
C GLU C 169 3.23 -30.11 -9.90
N GLU C 170 4.22 -29.40 -9.36
CA GLU C 170 5.57 -29.94 -9.23
C GLU C 170 5.98 -30.36 -7.82
N THR C 171 5.16 -29.97 -6.83
CA THR C 171 5.54 -30.17 -5.43
C THR C 171 4.44 -30.63 -4.48
N VAL C 172 4.85 -31.51 -3.56
CA VAL C 172 4.01 -31.94 -2.46
C VAL C 172 4.72 -31.53 -1.19
N ILE C 173 3.99 -30.96 -0.24
CA ILE C 173 4.55 -30.58 1.04
C ILE C 173 4.31 -31.75 2.01
N ASP C 174 5.34 -32.14 2.75
CA ASP C 174 5.21 -33.21 3.72
C ASP C 174 5.78 -32.83 5.08
N VAL C 175 5.22 -33.42 6.15
CA VAL C 175 5.74 -33.27 7.49
C VAL C 175 6.00 -34.71 7.97
N PRO C 176 7.15 -35.24 7.58
CA PRO C 176 7.55 -36.61 7.87
C PRO C 176 7.96 -36.82 9.31
N GLU C 177 8.01 -38.09 9.70
CA GLU C 177 8.52 -38.45 11.01
C GLU C 177 9.95 -37.93 11.00
N PRO C 178 10.44 -37.36 12.10
CA PRO C 178 9.71 -37.22 13.37
C PRO C 178 9.09 -35.86 13.58
N TYR C 179 9.01 -35.07 12.52
CA TYR C 179 8.51 -33.72 12.64
C TYR C 179 7.00 -33.59 12.83
N ASN C 180 6.30 -34.71 12.76
CA ASN C 180 4.86 -34.72 13.00
C ASN C 180 4.56 -34.66 14.51
N HIS C 181 5.61 -34.58 15.31
CA HIS C 181 5.48 -34.47 16.76
C HIS C 181 5.92 -33.06 17.15
N VAL C 182 5.05 -32.36 17.89
CA VAL C 182 5.27 -30.97 18.27
C VAL C 182 6.58 -30.79 19.05
N SER C 183 6.98 -31.82 19.77
CA SER C 183 8.23 -31.80 20.53
C SER C 183 9.46 -31.69 19.62
N LYS C 184 9.33 -32.13 18.37
CA LYS C 184 10.43 -32.08 17.42
C LYS C 184 10.29 -30.91 16.45
N TYR C 185 9.06 -30.51 16.18
CA TYR C 185 8.79 -29.46 15.19
C TYR C 185 7.50 -28.69 15.51
N CYS C 186 7.63 -27.38 15.70
CA CYS C 186 6.47 -26.53 15.97
C CYS C 186 6.56 -25.18 15.23
N ALA C 187 7.43 -25.08 14.23
CA ALA C 187 7.53 -23.85 13.42
C ALA C 187 6.23 -23.53 12.70
N SER C 188 5.48 -24.57 12.33
CA SER C 188 4.17 -24.41 11.71
C SER C 188 3.34 -25.59 12.22
N LEU C 189 2.02 -25.42 12.22
CA LEU C 189 1.13 -26.41 12.83
C LEU C 189 0.00 -26.92 11.94
N GLY C 190 -0.04 -26.51 10.67
CA GLY C 190 -1.12 -26.88 9.77
C GLY C 190 -1.36 -28.37 9.61
N HIS C 191 -0.30 -29.14 9.69
CA HIS C 191 -0.37 -30.59 9.54
C HIS C 191 -1.08 -31.25 10.73
N LYS C 192 -1.44 -30.48 11.75
CA LYS C 192 -2.13 -31.02 12.92
C LYS C 192 -3.66 -30.95 12.83
N ALA C 193 -4.19 -30.27 11.82
CA ALA C 193 -5.63 -30.18 11.64
C ALA C 193 -6.14 -31.50 11.11
N ASN C 194 -7.12 -32.05 11.80
CA ASN C 194 -7.75 -33.29 11.39
C ASN C 194 -8.77 -33.07 10.28
N HIS C 195 -9.19 -34.17 9.68
CA HIS C 195 -10.15 -34.12 8.60
C HIS C 195 -11.60 -34.14 9.08
N SER C 196 -12.43 -33.42 8.35
CA SER C 196 -13.86 -33.47 8.52
C SER C 196 -14.53 -33.27 7.18
N PHE C 197 -15.66 -33.94 7.00
CA PHE C 197 -16.45 -33.79 5.79
C PHE C 197 -17.36 -32.58 5.96
N THR C 198 -17.39 -32.04 7.19
CA THR C 198 -18.09 -30.78 7.49
C THR C 198 -17.06 -29.85 8.13
N PRO C 199 -16.05 -29.46 7.37
CA PRO C 199 -14.95 -28.68 7.93
C PRO C 199 -15.30 -27.22 8.16
N ASN C 200 -14.58 -26.56 9.05
CA ASN C 200 -14.75 -25.13 9.26
C ASN C 200 -13.61 -24.35 8.61
N CYS C 201 -12.66 -25.06 8.00
CA CYS C 201 -11.52 -24.44 7.32
C CYS C 201 -11.18 -25.10 5.98
N ILE C 202 -10.30 -24.44 5.23
CA ILE C 202 -9.82 -24.97 3.96
C ILE C 202 -8.32 -24.74 3.88
N TYR C 203 -7.62 -25.51 3.05
CA TYR C 203 -6.21 -25.22 2.78
C TYR C 203 -6.22 -24.15 1.69
N ASP C 204 -5.32 -23.18 1.77
CA ASP C 204 -5.25 -22.11 0.77
C ASP C 204 -3.79 -21.76 0.50
N MET C 205 -3.52 -21.10 -0.63
CA MET C 205 -2.15 -20.70 -0.95
C MET C 205 -1.68 -19.65 0.04
N PHE C 206 -0.38 -19.63 0.30
CA PHE C 206 0.16 -18.62 1.18
C PHE C 206 1.61 -18.37 0.87
N VAL C 207 1.99 -17.09 0.85
CA VAL C 207 3.40 -16.72 0.63
C VAL C 207 3.95 -16.21 1.96
N HIS C 208 4.78 -17.00 2.62
CA HIS C 208 5.27 -16.67 3.95
C HIS C 208 6.71 -16.14 3.86
N PRO C 209 7.07 -15.14 4.64
CA PRO C 209 8.42 -14.56 4.56
C PRO C 209 9.51 -15.48 5.08
N ARG C 210 9.14 -16.44 5.90
CA ARG C 210 10.09 -17.38 6.44
C ARG C 210 10.08 -18.68 5.64
N PHE C 211 8.88 -19.22 5.40
CA PHE C 211 8.74 -20.52 4.73
C PHE C 211 8.65 -20.46 3.22
N GLY C 212 8.43 -19.27 2.67
CA GLY C 212 8.29 -19.14 1.24
C GLY C 212 6.88 -19.58 0.83
N PRO C 213 6.73 -20.05 -0.40
CA PRO C 213 5.42 -20.46 -0.90
C PRO C 213 4.99 -21.77 -0.31
N ILE C 214 3.91 -21.73 0.46
CA ILE C 214 3.38 -22.91 1.15
C ILE C 214 1.87 -22.85 1.09
N LYS C 215 1.20 -23.57 1.98
CA LYS C 215 -0.26 -23.46 2.09
C LYS C 215 -0.57 -23.01 3.52
N CYS C 216 -1.78 -22.54 3.75
CA CYS C 216 -2.19 -22.14 5.08
C CYS C 216 -3.54 -22.77 5.35
N ILE C 217 -4.02 -22.63 6.59
CA ILE C 217 -5.38 -23.03 6.96
C ILE C 217 -6.16 -21.74 7.13
N ARG C 218 -7.28 -21.63 6.41
CA ARG C 218 -8.10 -20.44 6.43
C ARG C 218 -9.54 -20.83 6.81
N THR C 219 -10.16 -20.08 7.69
CA THR C 219 -11.53 -20.41 8.09
C THR C 219 -12.50 -20.19 6.93
N LEU C 220 -13.52 -21.03 6.87
CA LEU C 220 -14.62 -20.88 5.93
C LEU C 220 -15.72 -19.98 6.50
N ARG C 221 -15.77 -19.89 7.82
CA ARG C 221 -16.76 -19.09 8.50
C ARG C 221 -16.20 -18.74 9.87
N ALA C 222 -16.92 -17.92 10.63
CA ALA C 222 -16.48 -17.55 11.96
C ALA C 222 -16.29 -18.79 12.84
N VAL C 223 -15.24 -18.76 13.65
CA VAL C 223 -14.91 -19.83 14.56
C VAL C 223 -14.77 -19.20 15.95
N GLU C 224 -15.11 -19.95 16.98
CA GLU C 224 -14.96 -19.44 18.35
C GLU C 224 -13.68 -19.96 19.03
N ALA C 225 -13.30 -19.32 20.13
CA ALA C 225 -12.17 -19.79 20.91
C ALA C 225 -12.40 -21.24 21.35
N ASP C 226 -11.35 -22.04 21.25
CA ASP C 226 -11.33 -23.44 21.66
C ASP C 226 -12.11 -24.38 20.75
N GLU C 227 -12.50 -23.89 19.58
CA GLU C 227 -13.17 -24.72 18.56
C GLU C 227 -12.11 -25.49 17.79
N GLU C 228 -12.37 -26.76 17.52
CA GLU C 228 -11.42 -27.56 16.76
C GLU C 228 -11.51 -27.11 15.30
N LEU C 229 -10.35 -26.93 14.69
CA LEU C 229 -10.25 -26.58 13.28
C LEU C 229 -10.09 -27.85 12.46
N THR C 230 -10.91 -27.99 11.44
CA THR C 230 -10.86 -29.18 10.59
C THR C 230 -10.89 -28.73 9.15
N VAL C 231 -10.36 -29.59 8.28
CA VAL C 231 -10.29 -29.31 6.86
C VAL C 231 -10.69 -30.59 6.13
N ALA C 232 -11.31 -30.46 4.98
CA ALA C 232 -11.59 -31.63 4.15
C ALA C 232 -10.27 -31.97 3.43
N TYR C 233 -9.73 -33.17 3.64
CA TYR C 233 -8.45 -33.54 3.06
C TYR C 233 -8.48 -33.63 1.53
N GLY C 234 -9.67 -33.87 0.96
CA GLY C 234 -9.82 -33.83 -0.48
C GLY C 234 -9.24 -35.01 -1.26
N TYR C 235 -9.29 -36.20 -0.69
CA TYR C 235 -8.81 -37.37 -1.41
C TYR C 235 -9.80 -37.74 -2.51
N ASP C 236 -9.31 -38.36 -3.57
CA ASP C 236 -10.16 -38.77 -4.69
C ASP C 236 -11.05 -39.93 -4.27
N HIS C 237 -12.37 -39.71 -4.31
CA HIS C 237 -13.35 -40.71 -3.89
C HIS C 237 -13.61 -41.76 -4.96
N SER C 238 -13.22 -41.45 -6.20
CA SER C 238 -13.43 -42.35 -7.33
C SER C 238 -12.35 -42.14 -8.38
N PRO C 239 -11.17 -42.69 -8.14
CA PRO C 239 -10.05 -42.57 -9.07
C PRO C 239 -10.50 -42.96 -10.47
N PRO C 240 -9.93 -42.28 -11.45
CA PRO C 240 -10.35 -42.31 -12.85
C PRO C 240 -10.32 -43.65 -13.54
N GLY C 241 -9.73 -44.64 -12.90
CA GLY C 241 -9.67 -45.95 -13.49
C GLY C 241 -10.58 -46.85 -12.70
N LYS C 242 -9.97 -47.59 -11.78
CA LYS C 242 -10.73 -48.51 -10.96
C LYS C 242 -10.23 -48.48 -9.55
N SER C 243 -10.92 -49.22 -8.69
CA SER C 243 -10.57 -49.29 -7.30
C SER C 243 -10.80 -47.88 -6.79
N GLY C 244 -11.96 -47.69 -6.14
CA GLY C 244 -12.43 -46.39 -5.71
C GLY C 244 -11.50 -45.49 -4.94
N PRO C 245 -11.99 -45.04 -3.81
CA PRO C 245 -11.35 -43.98 -3.03
C PRO C 245 -9.90 -44.30 -2.71
N GLU C 246 -9.01 -43.55 -3.35
CA GLU C 246 -7.60 -43.69 -3.08
C GLU C 246 -7.36 -42.91 -1.79
N ALA C 247 -7.55 -43.60 -0.67
CA ALA C 247 -7.44 -42.95 0.63
C ALA C 247 -7.21 -43.96 1.73
N PRO C 248 -6.67 -43.51 2.85
CA PRO C 248 -6.44 -44.36 4.00
C PRO C 248 -7.74 -44.97 4.50
N GLU C 249 -7.65 -46.09 5.20
CA GLU C 249 -8.85 -46.79 5.66
C GLU C 249 -9.74 -45.94 6.56
N TRP C 250 -9.14 -45.21 7.50
CA TRP C 250 -9.92 -44.40 8.43
C TRP C 250 -10.79 -43.41 7.66
N TYR C 251 -10.27 -42.91 6.54
CA TYR C 251 -10.97 -41.93 5.72
C TYR C 251 -12.15 -42.58 5.01
N GLN C 252 -11.90 -43.75 4.42
CA GLN C 252 -12.94 -44.51 3.74
C GLN C 252 -14.04 -44.87 4.72
N VAL C 253 -13.66 -45.12 5.98
CA VAL C 253 -14.61 -45.49 7.01
C VAL C 253 -15.47 -44.28 7.38
N GLU C 254 -14.83 -43.12 7.56
CA GLU C 254 -15.53 -41.90 7.93
C GLU C 254 -16.42 -41.43 6.77
N LEU C 255 -15.97 -41.70 5.54
CA LEU C 255 -16.72 -41.33 4.36
C LEU C 255 -18.05 -42.08 4.37
N LYS C 256 -17.97 -43.39 4.59
CA LYS C 256 -19.17 -44.21 4.67
C LYS C 256 -20.05 -43.70 5.80
N ALA C 257 -19.42 -43.37 6.93
CA ALA C 257 -20.14 -42.84 8.09
C ALA C 257 -20.81 -41.52 7.73
N PHE C 258 -19.99 -40.54 7.31
CA PHE C 258 -20.52 -39.25 6.88
C PHE C 258 -21.56 -39.53 5.83
N GLN C 259 -21.18 -40.46 4.94
CA GLN C 259 -22.01 -40.83 3.82
C GLN C 259 -23.24 -41.52 4.29
N ALA C 260 -24.15 -40.72 4.81
CA ALA C 260 -25.42 -41.22 5.26
C ALA C 260 -25.34 -41.51 6.76
N THR C 261 -25.51 -40.39 7.44
CA THR C 261 -25.63 -40.17 8.85
C THR C 261 -26.06 -38.72 8.55
N GLN C 262 -25.81 -38.37 7.29
CA GLN C 262 -26.10 -37.09 6.67
C GLN C 262 -27.56 -36.81 6.47
N GLN C 263 -27.88 -35.54 6.30
CA GLN C 263 -29.25 -35.09 6.11
C GLN C 263 -29.52 -34.90 4.62
N LYS C 264 -29.22 -35.92 3.81
CA LYS C 264 -29.37 -35.82 2.36
C LYS C 264 -30.09 -37.02 1.78
N LEU D 1 -2.18 -38.00 -6.11
CA LEU D 1 -3.18 -39.08 -5.84
C LEU D 1 -3.12 -39.56 -4.35
N LYS D 2 -1.94 -39.75 -3.74
CA LYS D 2 -1.79 -39.88 -2.28
C LYS D 2 -1.39 -38.63 -1.47
N SER D 3 -2.08 -37.51 -1.72
CA SER D 3 -1.81 -36.28 -0.98
C SER D 3 -3.11 -35.48 -0.90
N MLZ D 4 -3.17 -34.65 0.33
CA MLZ D 4 -4.34 -33.77 0.32
CB MLZ D 4 -4.29 -33.01 1.63
CG MLZ D 4 -4.24 -33.89 2.86
CD MLZ D 4 -3.61 -33.09 4.01
CE MLZ D 4 -3.48 -33.94 5.25
NZ MLZ D 4 -2.99 -33.10 6.33
CM MLZ D 4 -2.77 -33.73 7.63
C MLZ D 4 -4.29 -32.79 -0.83
O MLZ D 4 -3.24 -32.36 -1.24
N LYS D 5 -5.88 -32.41 -0.89
CA LYS D 5 -5.76 -31.41 -1.99
C LYS D 5 -6.66 -30.23 -1.70
N GLY D 6 -6.11 -29.14 -1.19
CA GLY D 6 -6.71 -27.83 -1.30
C GLY D 6 -7.76 -27.77 -2.40
N SAH E . -3.31 38.66 -7.41
CA SAH E . -3.89 37.39 -7.76
CB SAH E . -2.84 36.27 -7.72
CG SAH E . -1.55 36.34 -6.90
SD SAH E . -0.15 36.34 -8.06
C SAH E . -4.66 37.36 -9.14
O SAH E . -5.95 37.88 -9.43
OXT SAH E . -3.75 37.01 -10.19
C5' SAH E . 0.77 37.57 -7.46
C4' SAH E . 0.36 38.86 -7.34
O4' SAH E . -0.87 39.18 -6.66
C3' SAH E . 1.11 39.99 -7.38
O3' SAH E . 2.03 40.27 -8.15
C2' SAH E . 0.42 40.94 -6.74
O2' SAH E . 0.00 41.87 -7.42
C1' SAH E . -0.39 40.32 -5.92
N9 SAH E . -0.34 40.24 -4.56
C8 SAH E . -0.10 39.05 -4.01
N7 SAH E . -0.11 39.20 -2.66
C5 SAH E . -0.35 40.49 -2.38
C6 SAH E . -0.48 41.27 -1.14
N6 SAH E . -0.36 40.72 0.09
N1 SAH E . -0.74 42.58 -1.25
C2 SAH E . -0.86 43.18 -2.45
N3 SAH E . -0.74 42.52 -3.63
C4 SAH E . -0.50 41.21 -3.66
N SAH F . -3.90 -36.73 14.08
CA SAH F . -3.14 -35.53 14.31
CB SAH F . -2.78 -34.79 13.00
CG SAH F . -3.53 -34.91 11.68
SD SAH F . -2.43 -35.64 10.44
C SAH F . -1.87 -35.71 15.21
O SAH F . -1.84 -36.00 16.59
OXT SAH F . -0.68 -35.76 14.40
C5' SAH F . -3.30 -36.89 9.82
C4' SAH F . -3.82 -37.94 10.54
O4' SAH F . -4.63 -37.66 11.69
C3' SAH F . -4.06 -39.21 10.15
O3' SAH F . -3.37 -39.95 9.42
C2' SAH F . -4.94 -39.73 11.01
O2' SAH F . -4.53 -40.65 11.70
C1' SAH F . -5.60 -38.71 11.53
N9 SAH F . -6.89 -38.32 11.27
C8 SAH F . -7.05 -37.13 10.68
N7 SAH F . -8.38 -36.93 10.54
C5 SAH F . -9.04 -37.99 11.04
C6 SAH F . -10.45 -38.35 11.18
N6 SAH F . -11.45 -37.56 10.77
N1 SAH F . -10.74 -39.52 11.75
C2 SAH F . -9.77 -40.36 12.19
N3 SAH F . -8.46 -40.09 12.10
C4 SAH F . -8.03 -38.93 11.56
#